data_6ENO
#
_entry.id   6ENO
#
_cell.length_a   80.591
_cell.length_b   80.591
_cell.length_c   217.428
_cell.angle_alpha   90.00
_cell.angle_beta   90.00
_cell.angle_gamma   120.00
#
_symmetry.space_group_name_H-M   'P 65 2 2'
#
loop_
_entity.id
_entity.type
_entity.pdbx_description
1 polymer 'Dehydratase family protein'
2 non-polymer 'Double cubane cluster'
3 non-polymer 'CITRIC ACID'
4 non-polymer GLYCEROL
5 water water
#
_entity_poly.entity_id   1
_entity_poly.type   'polypeptide(L)'
_entity_poly.pdbx_seq_one_letter_code
;GADNRELWKVLNVDLEKHDEFLAPVPAVYRELFLNRPNRPRAMAYFDAVVGDIHGIRVHELYNLKQEGKKVFATFCVYVP
EEIINATGSACIGLCGGAQYTVPAGETVLPRNLCPLIKSAMGFKIERICPYFQVADYVVGETTCDGKKKAWEILNEYIPV
YVMELPQKKEERDRKFWEEEIKDFAQFVEEKTGVKLNAENLRAGIEKINKKRKALKRLSDLRKHNPAPIHGLDVLLINQL
AFFDDPERFATKVNELCDELEERVAKGEGVVSKDAPRILITGTPQPIPHWKIHALIEGAGGVVVGEETCIGERYFKDLVE
PAADVEGMLKNIAARSLKVNCACFTPNTGRLEDILSMVQKLQVDGVIHYSLQFCQPYGVESYLVGRELERRNIPFLKLES
DFSEEDQGQLKTRIEAFLEMI
;
_entity_poly.pdbx_strand_id   A
#
loop_
_chem_comp.id
_chem_comp.type
_chem_comp.name
_chem_comp.formula
BJ8 non-polymer 'Double cubane cluster' 'Fe8 S9'
CIT non-polymer 'CITRIC ACID' 'C6 H8 O7'
GOL non-polymer GLYCEROL 'C3 H8 O3'
#
# COMPACT_ATOMS: atom_id res chain seq x y z
N GLY A 1 -7.55 -15.40 20.06
CA GLY A 1 -8.30 -16.02 21.20
C GLY A 1 -9.70 -15.46 21.33
N ALA A 2 -10.42 -15.91 22.34
CA ALA A 2 -11.82 -15.52 22.48
C ALA A 2 -12.00 -14.02 22.64
N ASP A 3 -10.99 -13.31 23.16
CA ASP A 3 -11.23 -11.88 23.37
C ASP A 3 -11.32 -11.14 22.05
N ASN A 4 -10.77 -11.69 20.97
CA ASN A 4 -10.97 -11.06 19.66
C ASN A 4 -12.43 -11.15 19.22
N ARG A 5 -13.04 -12.32 19.36
CA ARG A 5 -14.44 -12.47 19.02
C ARG A 5 -15.30 -11.55 19.90
N GLU A 6 -14.93 -11.41 21.17
CA GLU A 6 -15.61 -10.46 22.06
C GLU A 6 -15.61 -9.06 21.45
N LEU A 7 -14.44 -8.61 20.96
CA LEU A 7 -14.34 -7.28 20.40
C LEU A 7 -15.12 -7.16 19.08
N TRP A 8 -15.09 -8.19 18.23
CA TRP A 8 -15.81 -8.13 16.97
C TRP A 8 -17.30 -7.96 17.21
N LYS A 9 -17.85 -8.63 18.22
CA LYS A 9 -19.26 -8.45 18.57
C LYS A 9 -19.54 -7.00 18.94
N VAL A 10 -18.67 -6.39 19.75
CA VAL A 10 -18.86 -5.00 20.17
C VAL A 10 -18.88 -4.09 18.95
N LEU A 11 -18.10 -4.44 17.95
CA LEU A 11 -17.92 -3.63 16.76
C LEU A 11 -19.01 -3.87 15.71
N ASN A 12 -20.02 -4.69 16.01
CA ASN A 12 -21.08 -5.05 15.07
C ASN A 12 -20.55 -5.73 13.82
N VAL A 13 -19.45 -6.47 13.95
CA VAL A 13 -18.96 -7.30 12.87
C VAL A 13 -19.96 -8.41 12.60
N ASP A 14 -20.18 -8.70 11.32
CA ASP A 14 -20.96 -9.87 10.93
C ASP A 14 -20.07 -11.08 11.13
N LEU A 15 -20.25 -11.75 12.26
CA LEU A 15 -19.30 -12.77 12.67
C LEU A 15 -19.23 -13.90 11.67
N GLU A 16 -20.38 -14.30 11.13
CA GLU A 16 -20.42 -15.47 10.24
C GLU A 16 -19.70 -15.18 8.92
N LYS A 17 -19.99 -14.03 8.29
CA LYS A 17 -19.28 -13.64 7.08
C LYS A 17 -17.79 -13.38 7.35
N HIS A 18 -17.47 -12.79 8.50
CA HIS A 18 -16.08 -12.51 8.81
C HIS A 18 -15.28 -13.80 8.97
N ASP A 19 -15.86 -14.81 9.63
CA ASP A 19 -15.22 -16.12 9.69
C ASP A 19 -14.99 -16.71 8.30
N GLU A 20 -15.95 -16.55 7.38
CA GLU A 20 -15.80 -17.06 6.02
C GLU A 20 -14.66 -16.36 5.27
N PHE A 21 -14.51 -15.06 5.47
CA PHE A 21 -13.41 -14.33 4.82
C PHE A 21 -12.06 -14.89 5.27
N LEU A 22 -11.88 -15.10 6.59
CA LEU A 22 -10.58 -15.52 7.10
C LEU A 22 -10.31 -16.99 6.92
N ALA A 23 -11.36 -17.80 6.71
CA ALA A 23 -11.24 -19.26 6.67
C ALA A 23 -10.18 -19.78 5.73
N PRO A 24 -10.07 -19.32 4.48
CA PRO A 24 -9.01 -19.84 3.58
C PRO A 24 -7.63 -19.23 3.81
N VAL A 25 -7.51 -18.18 4.62
CA VAL A 25 -6.23 -17.47 4.73
C VAL A 25 -5.16 -18.37 5.32
N PRO A 26 -5.40 -19.16 6.37
CA PRO A 26 -4.32 -19.97 6.95
C PRO A 26 -3.63 -20.89 5.95
N ALA A 27 -4.38 -21.61 5.10
CA ALA A 27 -3.76 -22.53 4.14
C ALA A 27 -3.03 -21.78 3.03
N VAL A 28 -3.56 -20.64 2.61
CA VAL A 28 -2.87 -19.83 1.60
C VAL A 28 -1.56 -19.32 2.17
N TYR A 29 -1.58 -18.84 3.43
CA TYR A 29 -0.37 -18.30 4.04
C TYR A 29 0.67 -19.39 4.27
N ARG A 30 0.25 -20.61 4.58
CA ARG A 30 1.21 -21.70 4.65
C ARG A 30 1.85 -21.96 3.28
N GLU A 31 1.05 -22.03 2.20
CA GLU A 31 1.61 -22.33 0.88
C GLU A 31 2.56 -21.23 0.41
N LEU A 32 2.14 -19.99 0.51
CA LEU A 32 2.90 -18.90 -0.08
C LEU A 32 3.97 -18.32 0.84
N PHE A 33 3.87 -18.55 2.16
CA PHE A 33 4.80 -17.94 3.10
C PHE A 33 5.47 -18.98 4.01
N LEU A 34 4.72 -19.66 4.87
CA LEU A 34 5.35 -20.38 5.97
C LEU A 34 6.15 -21.58 5.48
N ASN A 35 5.68 -22.27 4.45
CA ASN A 35 6.35 -23.47 3.95
C ASN A 35 7.45 -23.15 2.96
N ARG A 36 7.67 -21.86 2.67
CA ARG A 36 8.69 -21.41 1.73
C ARG A 36 10.02 -21.30 2.47
N PRO A 37 11.06 -21.98 2.04
CA PRO A 37 12.29 -22.01 2.81
C PRO A 37 13.13 -20.77 2.57
N ASN A 38 14.12 -20.58 3.44
CA ASN A 38 15.16 -19.54 3.34
C ASN A 38 14.64 -18.18 3.76
N ARG A 39 13.47 -18.10 4.38
CA ARG A 39 12.91 -16.81 4.78
C ARG A 39 13.67 -16.27 5.98
N PRO A 40 13.90 -14.95 6.04
CA PRO A 40 14.53 -14.37 7.23
C PRO A 40 13.77 -14.72 8.50
N ARG A 41 14.53 -14.96 9.58
CA ARG A 41 13.91 -15.23 10.87
C ARG A 41 13.00 -14.08 11.30
N ALA A 42 13.39 -12.86 10.97
CA ALA A 42 12.66 -11.66 11.34
C ALA A 42 11.34 -11.54 10.59
N MET A 43 11.04 -12.47 9.70
CA MET A 43 9.67 -12.50 9.17
C MET A 43 8.66 -12.96 10.21
N ALA A 44 9.12 -13.46 11.36
CA ALA A 44 8.19 -14.04 12.34
C ALA A 44 7.22 -12.98 12.88
N TYR A 45 7.71 -11.77 13.11
CA TYR A 45 6.82 -10.71 13.59
C TYR A 45 5.69 -10.48 12.60
N PHE A 46 6.02 -10.29 11.32
CA PHE A 46 4.99 -10.00 10.34
C PHE A 46 4.06 -11.20 10.16
N ASP A 47 4.62 -12.42 10.23
CA ASP A 47 3.82 -13.65 10.14
C ASP A 47 2.78 -13.67 11.25
N ALA A 48 3.18 -13.28 12.46
CA ALA A 48 2.28 -13.30 13.60
C ALA A 48 1.22 -12.21 13.50
N VAL A 49 1.60 -11.04 12.96
CA VAL A 49 0.58 -10.04 12.62
C VAL A 49 -0.50 -10.65 11.71
N VAL A 50 -0.09 -11.30 10.61
CA VAL A 50 -1.05 -11.91 9.69
C VAL A 50 -1.93 -12.92 10.44
N GLY A 51 -1.31 -13.74 11.27
CA GLY A 51 -2.06 -14.77 11.96
C GLY A 51 -3.12 -14.20 12.89
N ASP A 52 -2.90 -12.99 13.39
CA ASP A 52 -3.79 -12.27 14.30
C ASP A 52 -4.21 -10.94 13.69
N ILE A 53 -4.51 -10.93 12.38
CA ILE A 53 -4.65 -9.70 11.63
C ILE A 53 -5.79 -8.85 12.16
N HIS A 54 -6.84 -9.48 12.72
CA HIS A 54 -7.97 -8.72 13.26
C HIS A 54 -8.02 -8.78 14.79
N GLY A 55 -6.87 -8.96 15.42
CA GLY A 55 -6.80 -9.12 16.85
C GLY A 55 -6.16 -7.96 17.54
N ILE A 56 -4.86 -8.10 17.84
CA ILE A 56 -4.17 -7.18 18.72
C ILE A 56 -4.29 -5.73 18.24
N ARG A 57 -4.08 -5.48 16.94
CA ARG A 57 -4.08 -4.09 16.46
C ARG A 57 -5.49 -3.48 16.52
N VAL A 58 -6.52 -4.28 16.28
CA VAL A 58 -7.87 -3.80 16.40
C VAL A 58 -8.17 -3.43 17.86
N HIS A 59 -7.72 -4.26 18.81
CA HIS A 59 -7.84 -3.90 20.23
C HIS A 59 -7.18 -2.57 20.55
N GLU A 60 -5.94 -2.37 20.07
CA GLU A 60 -5.24 -1.11 20.28
C GLU A 60 -6.04 0.08 19.76
N LEU A 61 -6.55 -0.02 18.52
CA LEU A 61 -7.35 1.06 17.95
C LEU A 61 -8.60 1.30 18.77
N TYR A 62 -9.28 0.24 19.22
CA TYR A 62 -10.44 0.40 20.08
C TYR A 62 -10.09 1.11 21.38
N ASN A 63 -8.98 0.70 22.01
CA ASN A 63 -8.57 1.32 23.26
C ASN A 63 -8.17 2.78 23.07
N LEU A 64 -7.53 3.11 21.93
CA LEU A 64 -7.25 4.51 21.61
C LEU A 64 -8.52 5.36 21.60
N LYS A 65 -9.61 4.81 21.04
CA LYS A 65 -10.88 5.54 21.01
C LYS A 65 -11.43 5.74 22.40
N GLN A 66 -11.27 4.76 23.29
CA GLN A 66 -11.74 4.99 24.66
C GLN A 66 -10.95 6.09 25.35
N GLU A 67 -9.74 6.40 24.88
CA GLU A 67 -8.92 7.48 25.42
C GLU A 67 -9.17 8.81 24.75
N GLY A 68 -10.22 8.93 23.92
CA GLY A 68 -10.59 10.16 23.27
C GLY A 68 -9.91 10.43 21.94
N LYS A 69 -9.14 9.48 21.43
CA LYS A 69 -8.52 9.64 20.13
C LYS A 69 -9.44 9.08 19.05
N LYS A 70 -9.10 9.36 17.80
CA LYS A 70 -9.92 8.95 16.68
C LYS A 70 -9.14 8.02 15.75
N VAL A 71 -9.88 7.29 14.92
CA VAL A 71 -9.31 6.42 13.90
C VAL A 71 -9.78 6.91 12.53
N PHE A 72 -8.83 7.28 11.67
CA PHE A 72 -9.09 7.66 10.29
C PHE A 72 -8.69 6.57 9.33
N ALA A 73 -9.60 6.21 8.43
CA ALA A 73 -9.32 5.26 7.35
C ALA A 73 -9.06 6.02 6.07
N THR A 74 -8.01 5.63 5.35
CA THR A 74 -7.63 6.29 4.11
C THR A 74 -7.44 5.25 3.02
N PHE A 75 -7.43 5.74 1.77
CA PHE A 75 -7.29 4.85 0.60
C PHE A 75 -6.24 5.35 -0.38
N CYS A 76 -5.47 6.36 -0.02
CA CYS A 76 -4.47 6.91 -0.92
C CYS A 76 -3.30 7.47 -0.14
N VAL A 77 -2.09 7.30 -0.69
CA VAL A 77 -0.87 7.82 -0.07
C VAL A 77 -0.83 9.33 0.00
N TYR A 78 -1.67 10.04 -0.76
CA TYR A 78 -1.67 11.50 -0.73
C TYR A 78 -2.27 12.05 0.56
N VAL A 79 -3.08 11.26 1.28
CA VAL A 79 -3.70 11.78 2.49
C VAL A 79 -2.62 11.91 3.56
N PRO A 80 -2.51 13.05 4.18
CA PRO A 80 -1.36 13.26 5.07
C PRO A 80 -1.45 12.57 6.44
N GLU A 81 -0.81 11.40 6.52
CA GLU A 81 -0.68 10.67 7.78
C GLU A 81 -0.08 11.52 8.87
N GLU A 82 0.78 12.44 8.48
CA GLU A 82 1.55 13.22 9.44
C GLU A 82 0.63 14.10 10.28
N ILE A 83 -0.42 14.60 9.64
CA ILE A 83 -1.35 15.52 10.29
C ILE A 83 -2.23 14.75 11.27
N ILE A 84 -2.75 13.61 10.84
CA ILE A 84 -3.49 12.74 11.74
C ILE A 84 -2.61 12.33 12.93
N ASN A 85 -1.40 11.83 12.64
CA ASN A 85 -0.50 11.32 13.69
CA ASN A 85 -0.65 11.30 13.77
C ASN A 85 -0.18 12.41 14.70
N ALA A 86 -0.09 13.67 14.23
CA ALA A 86 0.28 14.78 15.11
C ALA A 86 -0.67 14.92 16.29
N THR A 87 -1.95 14.65 16.07
CA THR A 87 -2.97 14.74 17.11
C THR A 87 -2.99 13.56 18.07
N GLY A 88 -2.19 12.52 17.84
CA GLY A 88 -2.34 11.32 18.63
C GLY A 88 -3.33 10.32 18.08
N SER A 89 -4.02 10.66 17.01
CA SER A 89 -4.98 9.77 16.38
C SER A 89 -4.26 8.79 15.45
N ALA A 90 -5.00 7.77 15.01
CA ALA A 90 -4.46 6.71 14.17
C ALA A 90 -4.94 6.86 12.74
N CYS A 91 -4.08 6.45 11.81
CA CYS A 91 -4.36 6.41 10.39
C CYS A 91 -4.18 4.96 9.94
N ILE A 92 -5.18 4.41 9.26
CA ILE A 92 -5.11 3.07 8.71
C ILE A 92 -5.52 3.08 7.24
N GLY A 93 -4.83 2.33 6.41
CA GLY A 93 -5.10 2.29 4.98
C GLY A 93 -5.87 1.04 4.64
N LEU A 94 -7.11 1.22 4.15
CA LEU A 94 -8.03 0.10 3.96
C LEU A 94 -8.33 -0.23 2.49
N CYS A 95 -7.41 0.08 1.57
CA CYS A 95 -7.59 -0.39 0.20
C CYS A 95 -7.87 -1.89 0.20
N GLY A 96 -8.87 -2.34 -0.59
CA GLY A 96 -9.28 -3.76 -0.57
C GLY A 96 -8.42 -4.67 -1.44
N GLY A 97 -8.19 -5.89 -0.96
CA GLY A 97 -7.40 -6.85 -1.71
C GLY A 97 -8.01 -8.24 -1.80
N ALA A 98 -9.30 -8.33 -1.51
CA ALA A 98 -9.97 -9.60 -1.22
C ALA A 98 -11.12 -9.85 -2.18
N GLN A 99 -11.08 -10.99 -2.87
CA GLN A 99 -12.21 -11.38 -3.70
C GLN A 99 -13.50 -11.51 -2.90
N TYR A 100 -13.41 -11.87 -1.60
CA TYR A 100 -14.59 -12.32 -0.87
C TYR A 100 -15.66 -11.26 -0.80
N THR A 101 -15.27 -9.98 -0.74
CA THR A 101 -16.20 -8.88 -0.52
C THR A 101 -16.60 -8.18 -1.81
N VAL A 102 -16.03 -8.59 -2.93
CA VAL A 102 -16.35 -7.94 -4.21
C VAL A 102 -17.85 -8.04 -4.51
N PRO A 103 -18.49 -9.20 -4.36
CA PRO A 103 -19.96 -9.24 -4.56
C PRO A 103 -20.74 -8.23 -3.71
N ALA A 104 -20.41 -8.12 -2.43
CA ALA A 104 -21.08 -7.15 -1.58
C ALA A 104 -20.90 -5.73 -2.12
N GLY A 105 -19.71 -5.43 -2.63
CA GLY A 105 -19.51 -4.13 -3.23
C GLY A 105 -20.42 -3.92 -4.43
N GLU A 106 -20.64 -4.98 -5.19
CA GLU A 106 -21.45 -4.85 -6.40
C GLU A 106 -22.92 -4.65 -6.10
N THR A 107 -23.33 -4.72 -4.83
CA THR A 107 -24.71 -4.39 -4.54
C THR A 107 -24.97 -2.90 -4.71
N VAL A 108 -23.92 -2.07 -4.77
CA VAL A 108 -24.11 -0.64 -4.96
C VAL A 108 -23.17 -0.04 -6.01
N LEU A 109 -22.21 -0.82 -6.49
CA LEU A 109 -21.21 -0.40 -7.47
C LEU A 109 -21.31 -1.24 -8.74
N PRO A 110 -20.82 -0.73 -9.87
CA PRO A 110 -20.86 -1.51 -11.11
C PRO A 110 -19.86 -2.65 -11.08
N ARG A 111 -20.20 -3.73 -11.81
CA ARG A 111 -19.28 -4.85 -11.86
C ARG A 111 -17.99 -4.46 -12.58
N ASN A 112 -18.09 -3.59 -13.59
CA ASN A 112 -16.93 -3.13 -14.36
C ASN A 112 -16.27 -1.93 -13.67
N LEU A 113 -15.73 -2.20 -12.50
CA LEU A 113 -14.99 -1.23 -11.72
C LEU A 113 -13.79 -1.93 -11.07
N CYS A 114 -12.81 -1.12 -10.66
CA CYS A 114 -11.63 -1.66 -10.01
C CYS A 114 -12.02 -2.55 -8.84
N PRO A 115 -11.46 -3.76 -8.72
CA PRO A 115 -11.80 -4.61 -7.57
C PRO A 115 -11.25 -4.11 -6.24
N LEU A 116 -10.23 -3.24 -6.22
CA LEU A 116 -9.82 -2.60 -4.97
C LEU A 116 -10.99 -1.83 -4.37
N ILE A 117 -11.70 -1.08 -5.22
CA ILE A 117 -12.82 -0.27 -4.77
C ILE A 117 -14.00 -1.15 -4.37
N LYS A 118 -14.32 -2.11 -5.21
CA LYS A 118 -15.46 -2.98 -4.91
C LYS A 118 -15.23 -3.74 -3.61
N SER A 119 -14.02 -4.24 -3.41
CA SER A 119 -13.71 -5.01 -2.19
C SER A 119 -13.83 -4.14 -0.94
N ALA A 120 -13.31 -2.92 -0.97
CA ALA A 120 -13.42 -2.04 0.18
C ALA A 120 -14.88 -1.73 0.50
N MET A 121 -15.67 -1.41 -0.52
CA MET A 121 -17.08 -1.07 -0.29
C MET A 121 -17.78 -2.24 0.37
N GLY A 122 -17.49 -3.45 -0.10
CA GLY A 122 -18.16 -4.63 0.43
C GLY A 122 -17.80 -4.89 1.88
N PHE A 123 -16.55 -4.65 2.25
CA PHE A 123 -16.14 -4.82 3.65
C PHE A 123 -16.98 -3.93 4.58
N LYS A 124 -17.19 -2.68 4.21
CA LYS A 124 -17.91 -1.78 5.11
C LYS A 124 -19.41 -2.04 5.08
N ILE A 125 -19.99 -2.19 3.88
CA ILE A 125 -21.44 -2.21 3.81
C ILE A 125 -22.00 -3.46 4.49
N GLU A 126 -21.24 -4.57 4.48
CA GLU A 126 -21.64 -5.81 5.15
C GLU A 126 -21.01 -6.02 6.52
N ARG A 127 -20.17 -5.08 6.98
CA ARG A 127 -19.60 -5.07 8.32
C ARG A 127 -18.70 -6.29 8.53
N ILE A 128 -17.90 -6.59 7.52
CA ILE A 128 -17.05 -7.76 7.55
C ILE A 128 -15.65 -7.45 8.12
N CYS A 129 -15.23 -6.18 8.10
CA CYS A 129 -13.86 -5.84 8.44
C CYS A 129 -13.81 -5.19 9.81
N PRO A 130 -13.09 -5.75 10.78
CA PRO A 130 -13.02 -5.08 12.08
C PRO A 130 -12.35 -3.72 12.04
N TYR A 131 -11.40 -3.51 11.12
CA TYR A 131 -10.77 -2.19 10.97
C TYR A 131 -11.78 -1.15 10.49
N PHE A 132 -12.54 -1.49 9.46
CA PHE A 132 -13.53 -0.56 8.95
C PHE A 132 -14.58 -0.26 10.02
N GLN A 133 -14.87 -1.25 10.88
CA GLN A 133 -15.87 -1.08 11.92
C GLN A 133 -15.37 -0.24 13.08
N VAL A 134 -14.05 -0.23 13.30
CA VAL A 134 -13.50 0.61 14.34
C VAL A 134 -13.15 2.01 13.83
N ALA A 135 -13.15 2.25 12.52
CA ALA A 135 -12.87 3.59 12.01
C ALA A 135 -13.97 4.61 12.35
N ASP A 136 -13.54 5.82 12.72
CA ASP A 136 -14.46 6.96 12.91
C ASP A 136 -14.79 7.65 11.60
N TYR A 137 -13.78 7.87 10.75
CA TYR A 137 -13.97 8.60 9.50
C TYR A 137 -13.19 7.92 8.37
N VAL A 138 -13.66 8.16 7.13
CA VAL A 138 -12.91 7.88 5.91
C VAL A 138 -12.47 9.22 5.31
N VAL A 139 -11.23 9.26 4.88
CA VAL A 139 -10.73 10.36 4.08
C VAL A 139 -10.62 9.83 2.66
N GLY A 140 -11.48 10.38 1.79
CA GLY A 140 -11.47 10.03 0.39
C GLY A 140 -10.65 11.07 -0.38
N GLU A 141 -10.38 10.74 -1.63
CA GLU A 141 -9.62 11.67 -2.47
C GLU A 141 -10.13 11.58 -3.92
N THR A 142 -10.00 12.68 -4.68
CA THR A 142 -10.43 12.75 -6.09
C THR A 142 -9.27 12.32 -7.01
N THR A 143 -9.00 11.00 -6.99
CA THR A 143 -8.04 10.41 -7.90
C THR A 143 -8.76 9.79 -9.09
N CYS A 144 -9.02 8.48 -9.08
CA CYS A 144 -9.64 7.84 -10.23
C CYS A 144 -11.15 8.02 -10.18
N ASP A 145 -11.79 7.78 -11.33
CA ASP A 145 -13.22 8.00 -11.45
C ASP A 145 -13.98 7.14 -10.46
N GLY A 146 -13.62 5.85 -10.37
CA GLY A 146 -14.36 4.95 -9.51
C GLY A 146 -14.28 5.33 -8.04
N LYS A 147 -13.12 5.74 -7.57
CA LYS A 147 -13.02 6.14 -6.16
C LYS A 147 -13.85 7.39 -5.93
N LYS A 148 -13.64 8.40 -6.79
CA LYS A 148 -14.33 9.67 -6.62
C LYS A 148 -15.84 9.47 -6.50
N LYS A 149 -16.42 8.67 -7.38
CA LYS A 149 -17.87 8.56 -7.34
C LYS A 149 -18.32 7.56 -6.27
N ALA A 150 -17.47 6.63 -5.87
CA ALA A 150 -17.83 5.67 -4.83
C ALA A 150 -17.97 6.35 -3.46
N TRP A 151 -17.16 7.38 -3.19
CA TRP A 151 -17.26 8.09 -1.90
C TRP A 151 -18.67 8.63 -1.67
N GLU A 152 -19.33 9.09 -2.74
CA GLU A 152 -20.68 9.65 -2.60
C GLU A 152 -21.63 8.62 -2.04
N ILE A 153 -21.41 7.35 -2.36
CA ILE A 153 -22.23 6.24 -1.89
C ILE A 153 -21.78 5.81 -0.49
N LEU A 154 -20.46 5.66 -0.32
CA LEU A 154 -19.91 5.20 0.97
C LEU A 154 -20.27 6.14 2.11
N ASN A 155 -20.34 7.44 1.82
CA ASN A 155 -20.63 8.46 2.83
C ASN A 155 -21.93 8.16 3.56
N GLU A 156 -22.83 7.38 2.95
CA GLU A 156 -24.09 6.98 3.59
C GLU A 156 -23.88 6.04 4.78
N TYR A 157 -22.77 5.28 4.79
CA TYR A 157 -22.47 4.29 5.82
C TYR A 157 -21.37 4.67 6.80
N ILE A 158 -20.51 5.63 6.46
CA ILE A 158 -19.46 6.15 7.32
C ILE A 158 -19.11 7.54 6.79
N PRO A 159 -18.86 8.54 7.63
CA PRO A 159 -18.57 9.89 7.09
C PRO A 159 -17.27 9.88 6.28
N VAL A 160 -17.37 10.42 5.05
CA VAL A 160 -16.24 10.51 4.12
C VAL A 160 -15.92 12.00 3.93
N TYR A 161 -14.71 12.40 4.30
CA TYR A 161 -14.15 13.70 3.96
C TYR A 161 -13.44 13.56 2.63
N VAL A 162 -13.83 14.36 1.63
CA VAL A 162 -13.23 14.24 0.31
C VAL A 162 -12.19 15.33 0.07
N MET A 163 -10.94 14.90 -0.09
CA MET A 163 -9.84 15.80 -0.39
C MET A 163 -9.77 15.91 -1.91
N GLU A 164 -9.65 17.14 -2.43
CA GLU A 164 -9.55 17.34 -3.87
C GLU A 164 -8.08 17.44 -4.28
N LEU A 165 -7.61 16.39 -4.87
CA LEU A 165 -6.29 16.36 -5.46
C LEU A 165 -6.39 16.95 -6.86
N PRO A 166 -5.49 17.85 -7.25
CA PRO A 166 -5.52 18.38 -8.63
C PRO A 166 -5.07 17.31 -9.63
N GLN A 167 -5.06 17.65 -10.92
CA GLN A 167 -4.74 16.71 -11.97
C GLN A 167 -3.49 17.05 -12.75
N LYS A 168 -2.83 18.17 -12.45
CA LYS A 168 -1.54 18.52 -13.02
C LYS A 168 -0.64 18.93 -11.85
N LYS A 169 0.61 19.27 -12.15
CA LYS A 169 1.56 19.72 -11.12
C LYS A 169 2.18 21.07 -11.49
N GLU A 170 1.39 21.93 -12.13
CA GLU A 170 1.84 23.28 -12.40
C GLU A 170 1.68 24.12 -11.13
N GLU A 171 2.20 25.34 -11.18
CA GLU A 171 2.22 26.15 -9.96
C GLU A 171 0.81 26.34 -9.39
N ARG A 172 -0.19 26.51 -10.24
CA ARG A 172 -1.54 26.73 -9.74
CA ARG A 172 -1.54 26.73 -9.74
C ARG A 172 -2.03 25.49 -8.98
N ASP A 173 -1.67 24.30 -9.46
CA ASP A 173 -2.01 23.05 -8.82
C ASP A 173 -1.34 22.93 -7.46
N ARG A 174 -0.07 23.31 -7.39
CA ARG A 174 0.65 23.18 -6.13
C ARG A 174 0.03 24.05 -5.07
N LYS A 175 -0.38 25.27 -5.42
CA LYS A 175 -1.02 26.14 -4.45
CA LYS A 175 -1.03 26.16 -4.46
C LYS A 175 -2.40 25.62 -4.06
N PHE A 176 -3.13 25.11 -5.04
CA PHE A 176 -4.43 24.52 -4.75
C PHE A 176 -4.31 23.41 -3.71
N TRP A 177 -3.32 22.54 -3.90
CA TRP A 177 -3.17 21.38 -3.03
C TRP A 177 -2.72 21.82 -1.64
N GLU A 178 -1.88 22.86 -1.56
CA GLU A 178 -1.56 23.45 -0.27
C GLU A 178 -2.82 23.87 0.46
N GLU A 179 -3.77 24.53 -0.23
CA GLU A 179 -4.98 24.96 0.45
C GLU A 179 -5.84 23.78 0.88
N GLU A 180 -5.87 22.71 0.06
CA GLU A 180 -6.59 21.50 0.43
C GLU A 180 -6.02 20.90 1.71
N ILE A 181 -4.70 20.87 1.82
CA ILE A 181 -4.05 20.35 3.03
C ILE A 181 -4.39 21.21 4.25
N LYS A 182 -4.46 22.52 4.09
CA LYS A 182 -4.87 23.40 5.18
C LYS A 182 -6.31 23.11 5.62
N ASP A 183 -7.23 22.94 4.67
CA ASP A 183 -8.60 22.65 5.02
C ASP A 183 -8.69 21.29 5.70
N PHE A 184 -7.90 20.32 5.25
CA PHE A 184 -7.91 19.02 5.91
C PHE A 184 -7.38 19.13 7.35
N ALA A 185 -6.30 19.89 7.54
CA ALA A 185 -5.77 20.10 8.89
C ALA A 185 -6.85 20.63 9.82
N GLN A 186 -7.64 21.59 9.35
CA GLN A 186 -8.69 22.16 10.19
C GLN A 186 -9.73 21.12 10.54
N PHE A 187 -10.09 20.27 9.59
CA PHE A 187 -11.02 19.16 9.85
C PHE A 187 -10.43 18.22 10.90
N VAL A 188 -9.18 17.80 10.72
CA VAL A 188 -8.57 16.92 11.73
C VAL A 188 -8.58 17.59 13.11
N GLU A 189 -8.24 18.88 13.20
CA GLU A 189 -8.24 19.57 14.48
C GLU A 189 -9.61 19.57 15.12
N GLU A 190 -10.64 19.80 14.31
CA GLU A 190 -12.00 19.88 14.85
C GLU A 190 -12.49 18.53 15.31
N LYS A 191 -12.22 17.46 14.56
CA LYS A 191 -12.74 16.16 14.98
C LYS A 191 -11.99 15.61 16.18
N THR A 192 -10.68 15.85 16.25
CA THR A 192 -9.90 15.35 17.37
C THR A 192 -9.96 16.25 18.60
N GLY A 193 -10.32 17.53 18.44
CA GLY A 193 -10.21 18.51 19.50
C GLY A 193 -8.78 18.85 19.89
N VAL A 194 -7.80 18.53 19.05
CA VAL A 194 -6.39 18.79 19.31
C VAL A 194 -5.90 19.78 18.25
N LYS A 195 -5.45 20.95 18.70
CA LYS A 195 -4.86 21.93 17.81
C LYS A 195 -3.43 21.53 17.45
N LEU A 196 -3.10 21.73 16.17
CA LEU A 196 -1.73 21.54 15.73
C LEU A 196 -0.85 22.65 16.28
N ASN A 197 0.34 22.28 16.74
CA ASN A 197 1.37 23.26 17.07
C ASN A 197 2.72 22.78 16.54
N ALA A 198 3.74 23.63 16.71
CA ALA A 198 5.05 23.31 16.15
C ALA A 198 5.54 21.97 16.68
N GLU A 199 5.35 21.74 17.98
CA GLU A 199 5.89 20.55 18.61
C GLU A 199 5.20 19.29 18.10
N ASN A 200 3.88 19.26 18.14
CA ASN A 200 3.21 18.01 17.81
C ASN A 200 3.24 17.72 16.31
N LEU A 201 3.25 18.74 15.43
CA LEU A 201 3.35 18.48 14.00
C LEU A 201 4.77 18.02 13.64
N ARG A 202 5.80 18.58 14.31
CA ARG A 202 7.16 18.11 14.07
C ARG A 202 7.27 16.63 14.41
N ALA A 203 6.62 16.21 15.49
CA ALA A 203 6.71 14.82 15.94
C ALA A 203 5.91 13.88 15.05
N GLY A 204 4.72 14.31 14.61
CA GLY A 204 3.99 13.54 13.60
C GLY A 204 4.81 13.31 12.35
N ILE A 205 5.48 14.36 11.87
CA ILE A 205 6.33 14.22 10.68
C ILE A 205 7.45 13.23 10.96
N GLU A 206 8.12 13.37 12.10
CA GLU A 206 9.22 12.48 12.40
C GLU A 206 8.77 11.02 12.47
N LYS A 207 7.57 10.78 13.04
CA LYS A 207 7.09 9.41 13.21
CA LYS A 207 7.08 9.42 13.21
C LYS A 207 6.82 8.75 11.86
N ILE A 208 6.19 9.49 10.94
CA ILE A 208 5.88 8.89 9.65
C ILE A 208 7.15 8.83 8.80
N ASN A 209 8.02 9.85 8.91
CA ASN A 209 9.29 9.81 8.17
C ASN A 209 10.11 8.59 8.58
N LYS A 210 10.11 8.25 9.86
CA LYS A 210 10.87 7.09 10.31
C LYS A 210 10.32 5.80 9.74
N LYS A 211 8.99 5.69 9.55
CA LYS A 211 8.41 4.51 8.92
C LYS A 211 8.79 4.44 7.44
N ARG A 212 8.71 5.57 6.73
CA ARG A 212 9.11 5.58 5.33
C ARG A 212 10.59 5.24 5.20
N LYS A 213 11.41 5.73 6.12
CA LYS A 213 12.84 5.50 6.02
C LYS A 213 13.21 4.03 6.24
N ALA A 214 12.47 3.32 7.10
CA ALA A 214 12.72 1.89 7.27
C ALA A 214 12.36 1.12 6.01
N LEU A 215 11.20 1.41 5.42
CA LEU A 215 10.81 0.74 4.18
C LEU A 215 11.77 1.10 3.06
N LYS A 216 12.28 2.33 3.06
N LYS A 216 12.29 2.33 3.07
CA LYS A 216 13.27 2.75 2.09
CA LYS A 216 13.28 2.73 2.08
C LYS A 216 14.56 1.95 2.25
C LYS A 216 14.56 1.94 2.25
N ARG A 217 14.97 1.73 3.51
CA ARG A 217 16.15 0.94 3.77
C ARG A 217 16.00 -0.47 3.23
N LEU A 218 14.81 -1.03 3.43
CA LEU A 218 14.56 -2.39 3.00
C LEU A 218 14.56 -2.48 1.48
N SER A 219 14.01 -1.45 0.83
CA SER A 219 13.92 -1.47 -0.62
C SER A 219 15.31 -1.46 -1.23
N ASP A 220 16.21 -0.70 -0.61
CA ASP A 220 17.56 -0.54 -1.16
C ASP A 220 18.35 -1.82 -1.00
N LEU A 221 18.09 -2.58 0.05
CA LEU A 221 18.80 -3.83 0.25
C LEU A 221 18.52 -4.83 -0.86
N ARG A 222 17.37 -4.70 -1.52
CA ARG A 222 17.01 -5.65 -2.57
C ARG A 222 17.86 -5.51 -3.82
N LYS A 223 18.75 -4.51 -3.89
CA LYS A 223 19.60 -4.33 -5.05
C LYS A 223 20.69 -5.40 -5.13
N HIS A 224 20.81 -6.24 -4.12
CA HIS A 224 21.93 -7.17 -4.05
C HIS A 224 21.65 -8.45 -4.81
N ASN A 225 22.72 -9.08 -5.30
CA ASN A 225 22.65 -10.35 -6.01
C ASN A 225 23.61 -11.30 -5.32
N PRO A 226 23.15 -12.47 -4.86
CA PRO A 226 21.76 -12.95 -4.98
C PRO A 226 20.77 -12.15 -4.13
N ALA A 227 19.52 -12.09 -4.58
CA ALA A 227 18.49 -11.42 -3.82
C ALA A 227 18.47 -11.99 -2.40
N PRO A 228 18.65 -11.16 -1.37
CA PRO A 228 18.65 -11.68 0.01
C PRO A 228 17.28 -12.03 0.57
N ILE A 229 16.18 -11.62 -0.09
CA ILE A 229 14.84 -11.89 0.40
C ILE A 229 13.92 -11.99 -0.81
N HIS A 230 12.90 -12.82 -0.69
CA HIS A 230 11.92 -12.90 -1.77
C HIS A 230 11.07 -11.64 -1.71
N GLY A 231 10.70 -11.17 -2.90
CA GLY A 231 9.89 -9.98 -3.01
C GLY A 231 8.51 -10.15 -2.41
N LEU A 232 8.00 -11.37 -2.38
CA LEU A 232 6.67 -11.55 -1.81
C LEU A 232 6.66 -11.22 -0.32
N ASP A 233 7.78 -11.50 0.38
CA ASP A 233 7.87 -11.12 1.79
C ASP A 233 7.90 -9.60 1.96
N VAL A 234 8.50 -8.89 1.01
CA VAL A 234 8.56 -7.44 1.12
C VAL A 234 7.21 -6.83 0.80
N LEU A 235 6.50 -7.40 -0.17
CA LEU A 235 5.14 -6.95 -0.45
C LEU A 235 4.29 -7.01 0.80
N LEU A 236 4.36 -8.15 1.50
CA LEU A 236 3.60 -8.33 2.73
C LEU A 236 3.93 -7.24 3.75
N ILE A 237 5.22 -6.97 3.95
CA ILE A 237 5.61 -5.92 4.88
C ILE A 237 5.07 -4.56 4.43
N ASN A 238 5.17 -4.27 3.13
CA ASN A 238 4.66 -2.99 2.66
C ASN A 238 3.15 -2.90 2.85
N GLN A 239 2.44 -4.02 2.67
CA GLN A 239 1.00 -4.07 2.94
C GLN A 239 0.69 -3.78 4.40
N LEU A 240 1.48 -4.38 5.30
CA LEU A 240 1.21 -4.25 6.73
C LEU A 240 1.52 -2.84 7.26
N ALA A 241 2.28 -2.07 6.50
CA ALA A 241 2.56 -0.69 6.89
C ALA A 241 1.28 0.11 7.09
N PHE A 242 0.20 -0.26 6.39
CA PHE A 242 -1.01 0.53 6.41
C PHE A 242 -1.90 0.22 7.60
N PHE A 243 -1.56 -0.79 8.43
CA PHE A 243 -2.36 -1.14 9.61
C PHE A 243 -1.61 -0.98 10.92
N ASP A 244 -0.30 -1.16 10.91
CA ASP A 244 0.45 -1.37 12.15
C ASP A 244 0.69 -0.04 12.85
N ASP A 245 1.04 -0.15 14.13
CA ASP A 245 1.58 1.00 14.84
C ASP A 245 2.85 1.50 14.15
N PRO A 246 2.95 2.78 13.82
CA PRO A 246 4.09 3.25 13.01
C PRO A 246 5.45 3.04 13.66
N GLU A 247 5.54 3.15 14.99
CA GLU A 247 6.83 3.03 15.64
C GLU A 247 7.27 1.58 15.78
N ARG A 248 6.36 0.70 16.23
CA ARG A 248 6.68 -0.72 16.31
C ARG A 248 7.04 -1.26 14.93
N PHE A 249 6.24 -0.90 13.94
CA PHE A 249 6.47 -1.31 12.56
C PHE A 249 7.87 -0.94 12.13
N ALA A 250 8.23 0.34 12.26
CA ALA A 250 9.55 0.76 11.82
C ALA A 250 10.65 -0.02 12.52
N THR A 251 10.44 -0.35 13.79
CA THR A 251 11.45 -1.10 14.55
C THR A 251 11.63 -2.51 13.98
N LYS A 252 10.52 -3.21 13.78
CA LYS A 252 10.57 -4.56 13.26
C LYS A 252 11.09 -4.60 11.83
N VAL A 253 10.80 -3.57 11.02
CA VAL A 253 11.35 -3.53 9.67
C VAL A 253 12.86 -3.41 9.72
N ASN A 254 13.35 -2.60 10.65
CA ASN A 254 14.80 -2.43 10.75
C ASN A 254 15.45 -3.71 11.26
N GLU A 255 14.79 -4.41 12.19
CA GLU A 255 15.31 -5.70 12.62
C GLU A 255 15.53 -6.63 11.44
N LEU A 256 14.57 -6.67 10.53
CA LEU A 256 14.70 -7.48 9.31
C LEU A 256 15.88 -7.03 8.48
N CYS A 257 16.00 -5.73 8.25
CA CYS A 257 17.08 -5.21 7.43
C CYS A 257 18.44 -5.63 7.98
N ASP A 258 18.62 -5.59 9.30
CA ASP A 258 19.85 -6.09 9.92
C ASP A 258 20.14 -7.53 9.48
N GLU A 259 19.14 -8.41 9.59
CA GLU A 259 19.36 -9.80 9.20
C GLU A 259 19.70 -9.91 7.73
N LEU A 260 19.09 -9.07 6.88
CA LEU A 260 19.41 -9.13 5.46
C LEU A 260 20.83 -8.64 5.19
N GLU A 261 21.31 -7.65 5.96
CA GLU A 261 22.70 -7.28 5.86
C GLU A 261 23.60 -8.48 6.12
N GLU A 262 23.32 -9.24 7.19
CA GLU A 262 24.08 -10.46 7.43
C GLU A 262 24.14 -11.32 6.17
N ARG A 263 22.99 -11.55 5.54
CA ARG A 263 22.92 -12.38 4.34
C ARG A 263 23.77 -11.81 3.21
N VAL A 264 23.61 -10.52 2.93
CA VAL A 264 24.32 -9.89 1.81
C VAL A 264 25.82 -10.01 2.00
N ALA A 265 26.29 -9.95 3.25
CA ALA A 265 27.73 -10.03 3.51
C ALA A 265 28.28 -11.42 3.19
N LYS A 266 27.56 -12.47 3.60
CA LYS A 266 27.95 -13.83 3.33
C LYS A 266 27.66 -14.27 1.89
N GLY A 267 27.11 -13.39 1.07
CA GLY A 267 26.72 -13.78 -0.28
C GLY A 267 25.52 -14.69 -0.32
N GLU A 268 24.77 -14.76 0.77
CA GLU A 268 23.61 -15.63 0.87
C GLU A 268 22.37 -14.94 0.33
N GLY A 269 21.54 -15.71 -0.36
CA GLY A 269 20.26 -15.22 -0.80
C GLY A 269 19.20 -16.29 -0.71
N VAL A 270 18.10 -16.06 -1.42
CA VAL A 270 16.98 -16.98 -1.46
C VAL A 270 16.87 -17.65 -2.80
N VAL A 271 17.73 -17.26 -3.75
CA VAL A 271 17.62 -17.69 -5.13
C VAL A 271 19.04 -17.72 -5.69
N SER A 272 19.22 -18.43 -6.79
CA SER A 272 20.51 -18.40 -7.48
C SER A 272 20.78 -17.00 -8.05
N LYS A 273 22.08 -16.67 -8.16
CA LYS A 273 22.45 -15.41 -8.81
C LYS A 273 22.00 -15.36 -10.26
N ASP A 274 21.76 -16.52 -10.86
CA ASP A 274 21.27 -16.61 -12.23
C ASP A 274 19.75 -16.46 -12.32
N ALA A 275 19.06 -16.31 -11.21
CA ALA A 275 17.61 -16.18 -11.24
C ALA A 275 17.21 -14.83 -11.81
N PRO A 276 16.26 -14.78 -12.74
CA PRO A 276 15.89 -13.48 -13.35
C PRO A 276 15.27 -12.57 -12.30
N ARG A 277 15.71 -11.30 -12.31
CA ARG A 277 15.27 -10.32 -11.33
C ARG A 277 14.23 -9.41 -11.98
N ILE A 278 13.09 -9.25 -11.31
CA ILE A 278 11.91 -8.60 -11.87
C ILE A 278 11.57 -7.33 -11.10
N LEU A 279 11.24 -6.28 -11.84
CA LEU A 279 10.62 -5.10 -11.28
C LEU A 279 9.14 -5.09 -11.62
N ILE A 280 8.27 -5.03 -10.61
CA ILE A 280 6.84 -4.83 -10.82
C ILE A 280 6.56 -3.33 -10.83
N THR A 281 5.77 -2.88 -11.81
CA THR A 281 5.30 -1.50 -11.84
C THR A 281 3.80 -1.48 -12.13
N GLY A 282 3.10 -0.52 -11.52
CA GLY A 282 1.68 -0.40 -11.75
C GLY A 282 0.87 0.01 -10.54
N THR A 283 -0.23 -0.67 -10.30
CA THR A 283 -1.17 -0.34 -9.23
C THR A 283 -0.76 -1.01 -7.92
N PRO A 284 -1.23 -0.48 -6.79
CA PRO A 284 -0.91 -1.13 -5.50
C PRO A 284 -1.59 -2.48 -5.41
N GLN A 285 -0.95 -3.38 -4.65
CA GLN A 285 -1.45 -4.73 -4.41
C GLN A 285 -1.76 -4.87 -2.91
N PRO A 286 -2.97 -4.58 -2.49
CA PRO A 286 -3.30 -4.59 -1.07
C PRO A 286 -3.45 -6.00 -0.55
N ILE A 287 -3.23 -6.14 0.75
CA ILE A 287 -3.37 -7.45 1.37
C ILE A 287 -4.79 -7.97 1.20
N PRO A 288 -5.00 -9.27 0.88
CA PRO A 288 -4.05 -10.37 0.65
C PRO A 288 -3.83 -10.74 -0.87
N HIS A 289 -3.68 -9.69 -1.69
CA HIS A 289 -3.54 -9.85 -3.14
C HIS A 289 -2.08 -10.18 -3.50
N TRP A 290 -1.69 -11.40 -3.17
CA TRP A 290 -0.34 -11.90 -3.36
C TRP A 290 -0.13 -12.61 -4.72
N LYS A 291 -1.18 -12.77 -5.52
CA LYS A 291 -1.18 -13.63 -6.71
C LYS A 291 0.01 -13.40 -7.64
N ILE A 292 0.26 -12.15 -8.04
CA ILE A 292 1.23 -11.93 -9.11
C ILE A 292 2.66 -12.24 -8.63
N HIS A 293 3.04 -11.73 -7.46
CA HIS A 293 4.36 -12.05 -6.93
C HIS A 293 4.53 -13.56 -6.80
N ALA A 294 3.51 -14.24 -6.28
CA ALA A 294 3.65 -15.67 -6.03
C ALA A 294 3.87 -16.45 -7.30
N LEU A 295 3.28 -15.98 -8.41
CA LEU A 295 3.46 -16.67 -9.69
C LEU A 295 4.86 -16.42 -10.23
N ILE A 296 5.30 -15.16 -10.23
CA ILE A 296 6.65 -14.83 -10.68
C ILE A 296 7.68 -15.67 -9.93
N GLU A 297 7.56 -15.69 -8.61
CA GLU A 297 8.61 -16.30 -7.80
C GLU A 297 8.47 -17.81 -7.71
N GLY A 298 7.24 -18.33 -7.84
CA GLY A 298 7.09 -19.78 -7.98
C GLY A 298 7.68 -20.31 -9.27
N ALA A 299 7.78 -19.45 -10.29
CA ALA A 299 8.36 -19.79 -11.57
C ALA A 299 9.86 -19.56 -11.62
N GLY A 300 10.50 -19.26 -10.50
CA GLY A 300 11.94 -19.17 -10.45
C GLY A 300 12.50 -17.77 -10.55
N GLY A 301 11.65 -16.77 -10.72
CA GLY A 301 12.11 -15.40 -10.73
C GLY A 301 12.17 -14.84 -9.34
N VAL A 302 12.69 -13.62 -9.24
CA VAL A 302 12.68 -12.95 -7.96
C VAL A 302 12.32 -11.49 -8.20
N VAL A 303 11.27 -11.03 -7.54
CA VAL A 303 10.85 -9.64 -7.65
C VAL A 303 11.72 -8.82 -6.71
N VAL A 304 12.43 -7.84 -7.24
CA VAL A 304 13.37 -7.04 -6.44
C VAL A 304 12.87 -5.62 -6.20
N GLY A 305 11.74 -5.26 -6.77
CA GLY A 305 11.17 -3.95 -6.51
C GLY A 305 9.74 -3.90 -6.96
N GLU A 306 9.01 -2.94 -6.37
CA GLU A 306 7.64 -2.62 -6.75
C GLU A 306 7.53 -1.11 -6.89
N GLU A 307 7.35 -0.63 -8.12
CA GLU A 307 7.07 0.77 -8.38
C GLU A 307 5.55 0.91 -8.33
N THR A 308 5.05 0.93 -7.09
CA THR A 308 3.63 1.06 -6.79
C THR A 308 3.49 1.76 -5.43
N CYS A 309 2.27 2.17 -5.12
CA CYS A 309 2.00 2.77 -3.82
C CYS A 309 1.90 1.78 -2.66
N ILE A 310 2.01 0.46 -2.90
CA ILE A 310 2.32 -0.48 -1.81
C ILE A 310 3.68 -1.02 -2.19
N GLY A 311 4.69 -0.18 -1.95
CA GLY A 311 5.94 -0.23 -2.66
C GLY A 311 6.54 1.17 -2.71
N GLU A 312 7.44 1.37 -3.70
CA GLU A 312 8.30 2.54 -3.73
C GLU A 312 7.55 3.87 -3.63
N ARG A 313 6.36 4.00 -4.27
CA ARG A 313 5.72 5.32 -4.26
C ARG A 313 5.26 5.71 -2.87
N TYR A 314 5.10 4.75 -1.97
CA TYR A 314 4.68 5.07 -0.61
C TYR A 314 5.81 5.72 0.18
N PHE A 315 7.02 5.18 0.11
CA PHE A 315 8.05 5.52 1.07
C PHE A 315 9.23 6.33 0.50
N LYS A 316 9.30 6.53 -0.81
N LYS A 316 9.28 6.58 -0.81
CA LYS A 316 10.49 7.17 -1.38
CA LYS A 316 10.49 7.14 -1.42
C LYS A 316 10.68 8.57 -0.82
C LYS A 316 10.60 8.67 -1.30
N ASP A 317 9.60 9.35 -0.75
CA ASP A 317 9.66 10.79 -0.53
C ASP A 317 9.38 11.09 0.92
N LEU A 318 10.35 11.73 1.58
CA LEU A 318 10.23 12.16 2.97
C LEU A 318 9.82 13.61 3.07
N VAL A 319 9.16 13.98 4.18
CA VAL A 319 8.80 15.38 4.42
C VAL A 319 10.06 16.12 4.82
N GLU A 320 10.25 17.30 4.25
CA GLU A 320 11.32 18.19 4.67
C GLU A 320 10.88 18.96 5.90
N PRO A 321 11.62 18.91 7.00
CA PRO A 321 11.24 19.69 8.18
C PRO A 321 11.13 21.18 7.88
N ALA A 322 10.32 21.86 8.69
CA ALA A 322 10.23 23.31 8.68
C ALA A 322 10.04 23.80 10.11
N ALA A 323 10.20 25.11 10.30
CA ALA A 323 10.29 25.69 11.63
C ALA A 323 8.93 25.95 12.29
N ASP A 324 7.89 26.29 11.53
CA ASP A 324 6.57 26.60 12.06
C ASP A 324 5.50 25.73 11.44
N VAL A 325 4.27 25.82 11.99
CA VAL A 325 3.16 25.01 11.49
C VAL A 325 2.90 25.32 10.02
N GLU A 326 2.87 26.60 9.65
CA GLU A 326 2.52 26.89 8.26
C GLU A 326 3.53 26.27 7.31
N GLY A 327 4.82 26.36 7.64
CA GLY A 327 5.84 25.77 6.79
C GLY A 327 5.74 24.26 6.77
N MET A 328 5.47 23.66 7.93
CA MET A 328 5.35 22.20 7.96
C MET A 328 4.15 21.73 7.13
N LEU A 329 3.02 22.45 7.20
CA LEU A 329 1.87 22.06 6.37
C LEU A 329 2.20 22.20 4.89
N LYS A 330 2.90 23.26 4.50
CA LYS A 330 3.31 23.41 3.11
C LYS A 330 4.19 22.25 2.67
N ASN A 331 5.12 21.82 3.52
CA ASN A 331 6.06 20.76 3.16
C ASN A 331 5.41 19.39 3.17
N ILE A 332 4.40 19.21 4.01
CA ILE A 332 3.61 17.99 4.00
C ILE A 332 2.86 17.86 2.66
N ALA A 333 2.22 18.96 2.23
CA ALA A 333 1.59 19.03 0.91
C ALA A 333 2.60 18.73 -0.20
N ALA A 334 3.80 19.32 -0.10
CA ALA A 334 4.82 19.17 -1.15
C ALA A 334 5.31 17.71 -1.22
N ARG A 335 5.43 17.05 -0.07
CA ARG A 335 5.85 15.64 -0.07
C ARG A 335 4.87 14.78 -0.85
N SER A 336 3.58 14.94 -0.58
CA SER A 336 2.63 14.08 -1.28
C SER A 336 2.64 14.38 -2.77
N LEU A 337 2.79 15.64 -3.18
CA LEU A 337 2.76 15.96 -4.60
C LEU A 337 4.01 15.48 -5.33
N LYS A 338 4.97 14.88 -4.63
CA LYS A 338 6.06 14.23 -5.33
C LYS A 338 5.67 12.85 -5.85
N VAL A 339 4.54 12.30 -5.40
CA VAL A 339 4.14 10.96 -5.83
C VAL A 339 3.67 11.02 -7.28
N ASN A 340 4.26 10.18 -8.14
CA ASN A 340 4.02 10.24 -9.57
C ASN A 340 2.95 9.22 -9.99
N CYS A 341 1.73 9.47 -9.50
CA CYS A 341 0.60 8.62 -9.81
C CYS A 341 0.06 8.93 -11.20
N ALA A 342 -0.46 7.90 -11.88
CA ALA A 342 -1.00 8.05 -13.23
C ALA A 342 -2.25 8.91 -13.31
N CYS A 343 -2.84 9.30 -12.17
CA CYS A 343 -3.94 10.26 -12.21
CA CYS A 343 -3.94 10.25 -12.20
C CYS A 343 -3.49 11.66 -12.54
N PHE A 344 -2.19 11.92 -12.58
CA PHE A 344 -1.67 13.21 -13.02
C PHE A 344 -1.29 13.13 -14.47
N THR A 345 -1.41 14.28 -15.14
CA THR A 345 -0.99 14.43 -16.51
C THR A 345 -0.09 15.65 -16.67
N PRO A 346 1.00 15.55 -17.43
CA PRO A 346 1.57 14.27 -17.84
C PRO A 346 2.16 13.57 -16.62
N ASN A 347 2.79 12.42 -16.82
CA ASN A 347 3.35 11.73 -15.67
C ASN A 347 4.70 11.15 -16.04
N THR A 348 5.50 11.93 -16.78
CA THR A 348 6.78 11.50 -17.26
C THR A 348 7.74 11.18 -16.11
N GLY A 349 7.54 11.77 -14.93
CA GLY A 349 8.41 11.46 -13.80
C GLY A 349 8.34 10.01 -13.37
N ARG A 350 7.16 9.40 -13.43
CA ARG A 350 7.06 7.97 -13.12
C ARG A 350 7.97 7.14 -14.04
N LEU A 351 8.02 7.48 -15.33
CA LEU A 351 8.93 6.75 -16.20
C LEU A 351 10.39 6.89 -15.75
N GLU A 352 10.83 8.10 -15.39
CA GLU A 352 12.18 8.23 -14.85
C GLU A 352 12.34 7.42 -13.57
N ASP A 353 11.29 7.34 -12.74
CA ASP A 353 11.34 6.50 -11.53
C ASP A 353 11.54 5.03 -11.90
N ILE A 354 10.79 4.54 -12.89
CA ILE A 354 10.90 3.14 -13.32
C ILE A 354 12.31 2.87 -13.84
N LEU A 355 12.80 3.73 -14.74
CA LEU A 355 14.11 3.52 -15.31
C LEU A 355 15.20 3.60 -14.26
N SER A 356 15.04 4.48 -13.28
CA SER A 356 16.02 4.55 -12.19
C SER A 356 16.07 3.24 -11.40
N MET A 357 14.91 2.67 -11.09
CA MET A 357 14.89 1.38 -10.38
C MET A 357 15.48 0.27 -11.22
N VAL A 358 15.19 0.27 -12.52
CA VAL A 358 15.79 -0.74 -13.39
C VAL A 358 17.30 -0.74 -13.24
N GLN A 359 17.92 0.44 -13.31
CA GLN A 359 19.37 0.55 -13.15
C GLN A 359 19.78 0.10 -11.76
N LYS A 360 19.18 0.71 -10.74
CA LYS A 360 19.65 0.54 -9.37
C LYS A 360 19.53 -0.91 -8.91
N LEU A 361 18.47 -1.60 -9.32
CA LEU A 361 18.18 -2.95 -8.86
C LEU A 361 18.63 -4.03 -9.83
N GLN A 362 19.39 -3.70 -10.87
CA GLN A 362 19.93 -4.72 -11.78
C GLN A 362 18.82 -5.65 -12.28
N VAL A 363 17.81 -5.04 -12.88
CA VAL A 363 16.58 -5.71 -13.26
C VAL A 363 16.76 -6.35 -14.62
N ASP A 364 16.33 -7.62 -14.74
CA ASP A 364 16.35 -8.33 -16.01
C ASP A 364 15.06 -8.19 -16.78
N GLY A 365 13.95 -7.86 -16.11
CA GLY A 365 12.68 -7.73 -16.80
C GLY A 365 11.72 -6.90 -15.98
N VAL A 366 10.83 -6.21 -16.68
CA VAL A 366 9.82 -5.36 -16.06
C VAL A 366 8.46 -5.97 -16.35
N ILE A 367 7.70 -6.24 -15.28
CA ILE A 367 6.31 -6.66 -15.42
C ILE A 367 5.42 -5.48 -15.01
N HIS A 368 4.64 -4.98 -15.96
CA HIS A 368 3.69 -3.92 -15.68
C HIS A 368 2.36 -4.57 -15.34
N TYR A 369 1.90 -4.37 -14.10
CA TYR A 369 0.73 -5.08 -13.60
C TYR A 369 -0.25 -4.04 -13.10
N SER A 370 -1.46 -4.05 -13.64
CA SER A 370 -2.48 -3.14 -13.15
C SER A 370 -3.81 -3.88 -13.04
N LEU A 371 -4.58 -3.49 -12.03
CA LEU A 371 -5.88 -4.09 -11.77
C LEU A 371 -6.85 -3.81 -12.93
N GLN A 372 -7.71 -4.81 -13.18
CA GLN A 372 -8.74 -4.69 -14.19
C GLN A 372 -9.61 -3.47 -13.95
N PHE A 373 -9.83 -2.69 -15.01
CA PHE A 373 -10.67 -1.50 -15.01
C PHE A 373 -9.99 -0.31 -14.34
N CYS A 374 -8.71 -0.38 -14.00
CA CYS A 374 -7.97 0.80 -13.55
C CYS A 374 -7.51 1.53 -14.81
N GLN A 375 -8.22 2.57 -15.16
CA GLN A 375 -8.02 3.21 -16.46
C GLN A 375 -6.81 4.13 -16.44
N PRO A 376 -6.51 4.85 -15.35
CA PRO A 376 -5.28 5.66 -15.38
C PRO A 376 -4.05 4.84 -15.71
N TYR A 377 -3.84 3.74 -14.97
CA TYR A 377 -2.65 2.90 -15.20
C TYR A 377 -2.78 2.06 -16.48
N GLY A 378 -3.98 1.60 -16.82
CA GLY A 378 -4.13 0.86 -18.06
C GLY A 378 -3.70 1.68 -19.26
N VAL A 379 -4.19 2.92 -19.34
CA VAL A 379 -3.87 3.75 -20.51
C VAL A 379 -2.40 4.11 -20.50
N GLU A 380 -1.87 4.55 -19.37
CA GLU A 380 -0.48 5.01 -19.31
C GLU A 380 0.52 3.89 -19.62
N SER A 381 0.10 2.62 -19.50
CA SER A 381 1.01 1.51 -19.80
C SER A 381 1.56 1.56 -21.21
N TYR A 382 0.83 2.17 -22.15
CA TYR A 382 1.31 2.23 -23.53
C TYR A 382 2.59 3.05 -23.64
N LEU A 383 2.60 4.26 -23.06
CA LEU A 383 3.79 5.11 -23.15
C LEU A 383 4.95 4.52 -22.35
N VAL A 384 4.64 3.91 -21.20
CA VAL A 384 5.67 3.27 -20.37
C VAL A 384 6.33 2.13 -21.14
N GLY A 385 5.54 1.22 -21.69
CA GLY A 385 6.11 0.13 -22.45
C GLY A 385 6.93 0.59 -23.64
N ARG A 386 6.47 1.64 -24.33
CA ARG A 386 7.19 2.10 -25.50
C ARG A 386 8.62 2.51 -25.15
N GLU A 387 8.79 3.25 -24.04
CA GLU A 387 10.13 3.72 -23.71
C GLU A 387 10.99 2.58 -23.20
N LEU A 388 10.40 1.67 -22.42
CA LEU A 388 11.17 0.52 -21.97
C LEU A 388 11.60 -0.35 -23.16
N GLU A 389 10.71 -0.56 -24.14
CA GLU A 389 11.08 -1.39 -25.28
C GLU A 389 12.06 -0.66 -26.20
N ARG A 390 11.92 0.66 -26.36
CA ARG A 390 12.96 1.40 -27.08
C ARG A 390 14.32 1.12 -26.47
N ARG A 391 14.40 1.01 -25.14
CA ARG A 391 15.68 0.68 -24.49
C ARG A 391 15.95 -0.82 -24.44
N ASN A 392 15.13 -1.64 -25.10
CA ASN A 392 15.30 -3.09 -25.13
C ASN A 392 15.32 -3.69 -23.71
N ILE A 393 14.57 -3.08 -22.80
CA ILE A 393 14.28 -3.69 -21.50
C ILE A 393 13.10 -4.65 -21.66
N PRO A 394 13.26 -5.93 -21.38
CA PRO A 394 12.12 -6.86 -21.53
C PRO A 394 10.91 -6.40 -20.73
N PHE A 395 9.73 -6.52 -21.34
CA PHE A 395 8.49 -5.91 -20.86
C PHE A 395 7.30 -6.84 -21.08
N LEU A 396 6.55 -7.09 -20.01
CA LEU A 396 5.34 -7.90 -20.04
C LEU A 396 4.20 -7.09 -19.45
N LYS A 397 3.11 -6.94 -20.19
CA LYS A 397 1.94 -6.22 -19.67
C LYS A 397 0.91 -7.24 -19.16
N LEU A 398 0.58 -7.15 -17.87
CA LEU A 398 -0.38 -8.02 -17.21
C LEU A 398 -1.46 -7.20 -16.49
N GLU A 399 -2.69 -7.73 -16.53
CA GLU A 399 -3.86 -7.18 -15.87
C GLU A 399 -4.60 -8.36 -15.23
N SER A 400 -5.21 -8.15 -14.06
CA SER A 400 -5.98 -9.22 -13.44
C SER A 400 -6.89 -8.62 -12.37
N ASP A 401 -7.63 -9.50 -11.69
CA ASP A 401 -8.47 -9.09 -10.57
C ASP A 401 -8.12 -9.97 -9.36
N PHE A 402 -8.99 -10.00 -8.36
CA PHE A 402 -8.71 -10.73 -7.13
C PHE A 402 -9.14 -12.19 -7.19
N SER A 403 -9.78 -12.61 -8.28
CA SER A 403 -10.25 -13.98 -8.40
C SER A 403 -9.09 -14.92 -8.74
N GLU A 404 -9.39 -16.21 -8.73
N GLU A 404 -9.40 -16.21 -8.73
CA GLU A 404 -8.38 -17.22 -9.04
CA GLU A 404 -8.42 -17.24 -9.01
C GLU A 404 -8.56 -17.87 -10.40
C GLU A 404 -8.58 -17.88 -10.39
N GLU A 405 -9.65 -17.56 -11.11
CA GLU A 405 -10.04 -18.10 -12.42
C GLU A 405 -8.90 -18.05 -13.42
N ASP A 406 -8.09 -16.98 -13.39
CA ASP A 406 -7.06 -16.78 -14.42
C ASP A 406 -5.67 -17.16 -13.94
N GLN A 407 -5.56 -17.79 -12.76
CA GLN A 407 -4.25 -18.24 -12.28
C GLN A 407 -3.51 -19.01 -13.36
N GLY A 408 -4.21 -19.90 -14.07
CA GLY A 408 -3.54 -20.74 -15.05
C GLY A 408 -3.00 -19.95 -16.23
N GLN A 409 -3.81 -19.08 -16.80
CA GLN A 409 -3.36 -18.32 -17.97
C GLN A 409 -2.25 -17.35 -17.59
N LEU A 410 -2.35 -16.72 -16.42
CA LEU A 410 -1.28 -15.86 -15.94
C LEU A 410 0.00 -16.64 -15.73
N LYS A 411 -0.10 -17.82 -15.11
CA LYS A 411 1.07 -18.64 -14.85
C LYS A 411 1.82 -18.95 -16.14
N THR A 412 1.09 -19.37 -17.17
CA THR A 412 1.73 -19.70 -18.44
C THR A 412 2.40 -18.47 -19.05
N ARG A 413 1.71 -17.33 -19.05
CA ARG A 413 2.27 -16.13 -19.66
C ARG A 413 3.52 -15.69 -18.90
N ILE A 414 3.48 -15.75 -17.58
CA ILE A 414 4.66 -15.38 -16.79
C ILE A 414 5.79 -16.35 -17.07
N GLU A 415 5.49 -17.65 -17.08
CA GLU A 415 6.52 -18.64 -17.39
C GLU A 415 7.17 -18.37 -18.75
N ALA A 416 6.34 -18.13 -19.77
CA ALA A 416 6.88 -17.83 -21.10
C ALA A 416 7.81 -16.62 -21.04
N PHE A 417 7.42 -15.59 -20.29
CA PHE A 417 8.25 -14.39 -20.19
C PHE A 417 9.56 -14.67 -19.48
N LEU A 418 9.53 -15.41 -18.38
CA LEU A 418 10.76 -15.70 -17.65
C LEU A 418 11.69 -16.61 -18.46
N GLU A 419 11.12 -17.50 -19.26
CA GLU A 419 11.96 -18.34 -20.13
C GLU A 419 12.66 -17.49 -21.19
N MET A 420 11.93 -16.56 -21.79
CA MET A 420 12.47 -15.67 -22.82
CA MET A 420 12.48 -15.69 -22.82
C MET A 420 13.70 -14.92 -22.35
N ILE A 421 13.89 -14.74 -21.04
CA ILE A 421 14.98 -13.90 -20.55
C ILE A 421 15.94 -14.62 -19.61
S1 BJ8 B . -8.62 2.20 -10.44
S2 BJ8 B . -6.18 4.36 -9.11
S3 BJ8 B . -8.41 2.43 -6.93
S4 BJ8 B . -5.95 0.78 -8.68
S5 BJ8 B . -2.75 5.25 -3.62
S6 BJ8 B . -2.01 4.67 -7.20
S7 BJ8 B . -4.71 6.84 -6.32
S8 BJ8 B . -1.42 8.01 -5.54
S9 BJ8 B . -5.13 3.10 -5.60
FE1 BJ8 B . -6.26 2.66 -7.50
FE2 BJ8 B . -8.11 1.02 -8.60
FE3 BJ8 B . -6.47 2.36 -10.20
FE4 BJ8 B . -8.41 3.67 -8.82
FE5 BJ8 B . -2.68 6.88 -7.17
FE6 BJ8 B . -3.31 7.27 -4.54
FE7 BJ8 B . -1.23 5.72 -5.25
FE8 BJ8 B . -3.76 4.83 -5.76
C1 CIT C . -9.36 -15.30 16.64
O1 CIT C . -9.27 -15.49 15.41
O2 CIT C . -8.37 -14.89 17.31
C2 CIT C . -10.67 -15.55 17.34
C3 CIT C . -11.30 -16.86 16.88
O7 CIT C . -11.63 -16.74 15.46
C4 CIT C . -10.38 -18.06 17.05
C5 CIT C . -9.54 -17.97 18.29
O3 CIT C . -8.28 -18.00 18.20
O4 CIT C . -10.06 -17.87 19.42
C6 CIT C . -12.53 -17.08 17.76
O5 CIT C . -13.67 -16.71 17.41
O6 CIT C . -12.42 -17.62 18.89
H21 CIT C . -10.51 -15.59 18.42
H22 CIT C . -11.35 -14.73 17.14
HO7 CIT C . -12.60 -16.83 15.34
H41 CIT C . -9.74 -18.14 16.17
H42 CIT C . -10.99 -18.97 17.10
C1 GOL D . -8.96 -4.71 5.15
O1 GOL D . -8.91 -4.71 3.72
C2 GOL D . -9.05 -6.23 5.68
O2 GOL D . -9.43 -6.33 7.03
C3 GOL D . -7.67 -6.83 5.50
O3 GOL D . -6.88 -6.19 6.44
H11 GOL D . -9.70 -4.20 5.50
H12 GOL D . -8.17 -4.29 5.53
HO1 GOL D . -9.15 -3.93 3.47
H2 GOL D . -9.72 -6.74 5.19
HO2 GOL D . -8.81 -5.98 7.50
H31 GOL D . -7.71 -7.79 5.59
H32 GOL D . -7.36 -6.66 4.59
HO3 GOL D . -6.81 -6.73 7.09
C1 GOL E . 18.20 16.10 -0.51
O1 GOL E . 18.48 17.44 -0.82
C2 GOL E . 16.75 16.03 0.09
O2 GOL E . 16.33 14.71 0.25
C3 GOL E . 16.81 16.81 1.45
O3 GOL E . 17.46 18.03 1.22
H11 GOL E . 18.83 15.73 0.12
H12 GOL E . 18.24 15.53 -1.30
HO1 GOL E . 19.23 17.62 -0.47
H2 GOL E . 16.12 16.45 -0.52
HO2 GOL E . 16.66 14.42 0.98
H31 GOL E . 15.91 16.91 1.81
H32 GOL E . 17.29 16.27 2.11
HO3 GOL E . 17.49 18.44 1.97
#